data_3VVD
#
_entry.id   3VVD
#
_cell.length_a   68.310
_cell.length_b   71.127
_cell.length_c   105.740
_cell.angle_alpha   90.00
_cell.angle_beta   90.00
_cell.angle_gamma   90.00
#
_symmetry.space_group_name_H-M   'P 21 21 21'
#
loop_
_entity.id
_entity.type
_entity.pdbx_description
1 polymer 'Amino acid ABC transporter, binding protein'
2 non-polymer L-ornithine
3 water water
#
_entity_poly.entity_id   1
_entity_poly.type   'polypeptide(L)'
_entity_poly.pdbx_seq_one_letter_code
;MKHHHHHHHHGGLVPRGSHGGSEFQVRSFEEIKRSGEIRIGTEGAFPPFNYFDERNQLTGFEVDLGNAIAERLGLKPRWI
AQSFDTLLIQLNQGRFDFVIASHGITEERARAVDFTNPHYCTGGVIVSRKGGPRTAKDLQGKVVGVQVGTTYMEAAQKIP
GIKEVRTYQRDPDALQDLLAGRIDTWITDRFVAKEAIKERKLENTLQVGELVFQERVAMAVAKGNKSLLDALNRALAELM
QDGTYARISQKWFGEDVRCK
;
_entity_poly.pdbx_strand_id   A,B
#
# COMPACT_ATOMS: atom_id res chain seq x y z
N GLY A 20 16.27 0.16 5.64
CA GLY A 20 16.77 0.40 7.04
C GLY A 20 15.67 0.30 8.09
N GLY A 21 14.41 0.44 7.68
CA GLY A 21 13.30 0.40 8.61
C GLY A 21 13.25 1.62 9.51
N SER A 22 12.17 1.73 10.28
CA SER A 22 12.02 2.85 11.17
C SER A 22 11.06 2.53 12.30
N GLU A 23 11.02 3.41 13.29
CA GLU A 23 10.11 3.25 14.41
C GLU A 23 8.78 3.88 14.08
N PHE A 24 7.76 3.04 13.97
CA PHE A 24 6.42 3.53 13.70
C PHE A 24 5.78 4.02 15.00
N GLN A 25 5.29 5.25 14.99
CA GLN A 25 4.56 5.82 16.11
C GLN A 25 3.73 6.98 15.65
N VAL A 26 2.53 7.07 16.19
CA VAL A 26 1.69 8.25 16.03
C VAL A 26 2.11 9.23 17.10
N ARG A 27 2.68 10.34 16.68
CA ARG A 27 3.33 11.25 17.61
C ARG A 27 2.59 12.57 17.79
N SER A 28 2.37 12.95 19.04
CA SER A 28 1.79 14.25 19.33
C SER A 28 2.77 15.33 18.91
N PHE A 29 2.29 16.57 18.84
CA PHE A 29 3.14 17.71 18.44
C PHE A 29 4.35 17.92 19.39
N GLU A 30 4.11 17.84 20.69
CA GLU A 30 5.23 17.90 21.67
C GLU A 30 6.27 16.77 21.58
N GLU A 31 5.84 15.53 21.32
CA GLU A 31 6.78 14.41 21.06
C GLU A 31 7.61 14.67 19.82
N ILE A 32 6.96 15.12 18.75
CA ILE A 32 7.67 15.58 17.55
C ILE A 32 8.68 16.70 17.91
N LYS A 33 8.21 17.74 18.59
CA LYS A 33 9.07 18.86 18.99
C LYS A 33 10.29 18.38 19.79
N ARG A 34 10.10 17.43 20.71
CA ARG A 34 11.24 16.91 21.47
C ARG A 34 12.32 16.31 20.56
N SER A 35 11.90 15.55 19.55
CA SER A 35 12.84 14.93 18.63
C SER A 35 13.53 15.94 17.72
N GLY A 36 12.88 17.07 17.46
CA GLY A 36 13.43 18.08 16.56
C GLY A 36 13.27 17.75 15.08
N GLU A 37 12.60 16.64 14.79
CA GLU A 37 12.46 16.15 13.43
C GLU A 37 10.99 15.82 13.13
N ILE A 38 10.53 16.14 11.92
CA ILE A 38 9.16 15.80 11.47
C ILE A 38 9.21 14.90 10.22
N ARG A 39 8.51 13.76 10.31
CA ARG A 39 8.55 12.76 9.24
C ARG A 39 7.37 13.05 8.32
N ILE A 40 7.65 13.24 7.03
CA ILE A 40 6.61 13.61 6.09
C ILE A 40 6.47 12.58 5.01
N GLY A 41 5.25 12.15 4.79
CA GLY A 41 4.99 11.13 3.76
C GLY A 41 4.52 11.78 2.48
N THR A 42 5.03 11.32 1.35
CA THR A 42 4.46 11.75 0.06
C THR A 42 4.58 10.63 -0.96
N GLU A 43 4.10 10.87 -2.17
CA GLU A 43 4.09 9.86 -3.21
C GLU A 43 5.35 9.87 -4.06
N GLY A 44 5.66 11.02 -4.65
CA GLY A 44 6.83 11.14 -5.53
C GLY A 44 6.60 10.68 -6.95
N ALA A 45 5.33 10.60 -7.38
CA ALA A 45 5.00 10.25 -8.79
C ALA A 45 3.86 11.10 -9.31
N PHE A 46 3.77 12.33 -8.83
CA PHE A 46 2.62 13.19 -9.18
C PHE A 46 3.10 14.62 -9.50
N PRO A 47 3.92 14.77 -10.58
CA PRO A 47 4.43 16.07 -11.00
C PRO A 47 3.30 17.02 -11.43
N PRO A 48 3.42 18.31 -11.12
CA PRO A 48 4.52 19.03 -10.48
C PRO A 48 4.39 19.14 -8.95
N PHE A 49 3.42 18.43 -8.35
CA PHE A 49 3.20 18.51 -6.88
C PHE A 49 4.23 17.75 -6.02
N ASN A 50 4.56 16.52 -6.39
CA ASN A 50 5.60 15.74 -5.69
C ASN A 50 6.10 14.68 -6.63
N TYR A 51 7.40 14.70 -6.90
CA TYR A 51 7.99 13.80 -7.90
C TYR A 51 9.49 13.75 -7.73
N PHE A 52 10.13 12.81 -8.39
CA PHE A 52 11.59 12.77 -8.42
C PHE A 52 12.08 13.43 -9.73
N ASP A 53 12.92 14.47 -9.61
CA ASP A 53 13.38 15.22 -10.77
C ASP A 53 14.46 14.51 -11.58
N GLU A 54 15.03 15.22 -12.54
CA GLU A 54 15.94 14.61 -13.49
C GLU A 54 17.25 14.26 -12.81
N ARG A 55 17.51 14.80 -11.64
CA ARG A 55 18.65 14.27 -10.89
C ARG A 55 18.22 13.45 -9.68
N ASN A 56 17.02 12.88 -9.79
CA ASN A 56 16.60 11.77 -8.92
C ASN A 56 16.47 12.23 -7.47
N GLN A 57 16.13 13.51 -7.31
CA GLN A 57 15.79 13.99 -6.01
C GLN A 57 14.32 14.46 -5.90
N LEU A 58 13.79 14.31 -4.70
CA LEU A 58 12.37 14.56 -4.46
C LEU A 58 12.10 16.05 -4.44
N THR A 59 11.10 16.48 -5.21
CA THR A 59 10.76 17.91 -5.30
C THR A 59 9.27 18.10 -5.65
N GLY A 60 8.87 19.34 -5.89
CA GLY A 60 7.50 19.65 -6.26
C GLY A 60 6.96 20.74 -5.37
N PHE A 61 5.84 21.30 -5.76
CA PHE A 61 5.18 22.35 -5.00
C PHE A 61 5.00 21.90 -3.54
N GLU A 62 4.58 20.65 -3.34
CA GLU A 62 4.23 20.16 -1.97
C GLU A 62 5.45 19.85 -1.13
N VAL A 63 6.56 19.53 -1.80
CA VAL A 63 7.82 19.35 -1.13
C VAL A 63 8.30 20.71 -0.59
N ASP A 64 8.42 21.71 -1.46
CA ASP A 64 8.71 23.08 -1.01
C ASP A 64 7.75 23.53 0.14
N LEU A 65 6.47 23.26 -0.02
CA LEU A 65 5.49 23.63 1.01
C LEU A 65 5.77 22.85 2.30
N GLY A 66 5.89 21.53 2.19
CA GLY A 66 6.24 20.71 3.34
C GLY A 66 7.46 21.22 4.09
N ASN A 67 8.51 21.59 3.35
CA ASN A 67 9.76 22.06 3.95
C ASN A 67 9.55 23.39 4.66
N ALA A 68 8.71 24.25 4.10
CA ALA A 68 8.42 25.57 4.66
C ALA A 68 7.58 25.43 5.93
N ILE A 69 6.60 24.51 5.92
CA ILE A 69 5.92 24.08 7.14
C ILE A 69 6.86 23.58 8.25
N ALA A 70 7.70 22.60 7.94
CA ALA A 70 8.67 22.09 8.89
C ALA A 70 9.50 23.22 9.49
N GLU A 71 10.05 24.06 8.61
CA GLU A 71 10.84 25.23 9.02
C GLU A 71 10.07 26.15 9.96
N ARG A 72 8.85 26.48 9.57
CA ARG A 72 8.07 27.42 10.34
C ARG A 72 7.82 26.86 11.76
N LEU A 73 7.86 25.53 11.89
CA LEU A 73 7.64 24.85 13.18
C LEU A 73 8.95 24.61 13.96
N GLY A 74 10.09 24.95 13.37
CA GLY A 74 11.39 24.74 14.01
C GLY A 74 11.84 23.28 13.92
N LEU A 75 11.52 22.62 12.82
CA LEU A 75 11.72 21.17 12.73
C LEU A 75 12.43 20.78 11.44
N LYS A 76 13.32 19.80 11.52
CA LYS A 76 14.03 19.28 10.36
C LYS A 76 13.13 18.26 9.67
N PRO A 77 12.86 18.45 8.38
CA PRO A 77 11.97 17.49 7.71
C PRO A 77 12.71 16.20 7.33
N ARG A 78 12.05 15.06 7.50
CA ARG A 78 12.53 13.80 6.96
C ARG A 78 11.44 13.24 6.06
N TRP A 79 11.75 13.16 4.75
CA TRP A 79 10.79 12.76 3.71
C TRP A 79 10.79 11.27 3.45
N ILE A 80 9.62 10.69 3.23
CA ILE A 80 9.50 9.28 2.88
C ILE A 80 8.54 9.23 1.71
N ALA A 81 9.04 8.82 0.54
CA ALA A 81 8.18 8.65 -0.61
C ALA A 81 7.69 7.19 -0.68
N GLN A 82 6.41 7.01 -0.98
CA GLN A 82 5.90 5.67 -1.21
C GLN A 82 4.61 5.68 -2.00
N SER A 83 4.19 4.49 -2.45
CA SER A 83 3.07 4.41 -3.37
C SER A 83 1.81 5.04 -2.76
N PHE A 84 1.05 5.74 -3.59
CA PHE A 84 -0.07 6.54 -3.15
C PHE A 84 -1.09 5.75 -2.34
N ASP A 85 -1.41 4.52 -2.77
CA ASP A 85 -2.56 3.79 -2.21
C ASP A 85 -2.29 3.44 -0.74
N THR A 86 -1.00 3.46 -0.35
CA THR A 86 -0.50 3.06 0.97
C THR A 86 -0.38 4.22 1.97
N LEU A 87 -0.41 5.45 1.48
CA LEU A 87 0.00 6.58 2.29
C LEU A 87 -0.84 6.79 3.58
N LEU A 88 -2.14 6.70 3.44
CA LEU A 88 -3.04 6.96 4.55
C LEU A 88 -2.97 5.85 5.56
N ILE A 89 -2.88 4.60 5.09
CA ILE A 89 -2.76 3.54 6.04
C ILE A 89 -1.43 3.52 6.76
N GLN A 90 -0.33 3.86 6.08
CA GLN A 90 0.92 3.94 6.82
C GLN A 90 0.97 5.18 7.73
N LEU A 91 0.23 6.22 7.40
CA LEU A 91 0.11 7.36 8.30
C LEU A 91 -0.50 6.89 9.61
N ASN A 92 -1.64 6.20 9.54
CA ASN A 92 -2.29 5.68 10.76
C ASN A 92 -1.46 4.64 11.49
N GLN A 93 -0.72 3.80 10.76
CA GLN A 93 0.24 2.90 11.39
C GLN A 93 1.42 3.63 12.06
N GLY A 94 1.67 4.90 11.74
CA GLY A 94 2.76 5.68 12.40
C GLY A 94 4.09 5.77 11.67
N ARG A 95 4.09 5.52 10.36
CA ARG A 95 5.34 5.66 9.58
C ARG A 95 5.75 7.13 9.41
N PHE A 96 4.78 8.01 9.39
CA PHE A 96 5.09 9.42 9.27
C PHE A 96 4.20 10.18 10.22
N ASP A 97 4.56 11.44 10.45
CA ASP A 97 3.72 12.35 11.26
C ASP A 97 2.56 12.99 10.47
N PHE A 98 2.82 13.36 9.22
CA PHE A 98 1.82 13.88 8.29
C PHE A 98 2.13 13.52 6.83
N VAL A 99 1.11 13.62 5.98
CA VAL A 99 1.22 13.27 4.58
C VAL A 99 0.86 14.53 3.82
N ILE A 100 1.66 14.85 2.82
CA ILE A 100 1.29 15.90 1.89
C ILE A 100 1.49 15.29 0.52
N ALA A 101 0.38 14.92 -0.13
CA ALA A 101 0.46 14.12 -1.33
C ALA A 101 -0.76 14.34 -2.20
N SER A 102 -1.22 15.59 -2.23
CA SER A 102 -2.31 16.03 -3.12
C SER A 102 -3.67 15.37 -2.83
N HIS A 103 -3.89 14.95 -1.58
CA HIS A 103 -5.18 14.37 -1.22
C HIS A 103 -6.31 15.36 -1.18
N GLY A 104 -7.31 15.15 -2.04
CA GLY A 104 -8.57 15.85 -1.94
C GLY A 104 -9.32 15.46 -0.67
N ILE A 105 -10.00 16.44 -0.05
CA ILE A 105 -10.71 16.16 1.19
C ILE A 105 -11.98 15.44 0.76
N THR A 106 -12.22 14.24 1.31
CA THR A 106 -13.49 13.55 1.06
C THR A 106 -14.00 13.00 2.37
N GLU A 107 -15.32 12.80 2.44
CA GLU A 107 -15.96 12.24 3.61
C GLU A 107 -15.43 10.85 3.90
N GLU A 108 -15.32 10.03 2.85
CA GLU A 108 -14.76 8.70 3.02
C GLU A 108 -13.37 8.76 3.66
N ARG A 109 -12.48 9.60 3.12
CA ARG A 109 -11.13 9.70 3.65
C ARG A 109 -11.13 10.26 5.06
N ALA A 110 -12.04 11.18 5.36
CA ALA A 110 -12.05 11.83 6.67
C ALA A 110 -12.50 10.89 7.80
N ARG A 111 -13.00 9.72 7.43
CA ARG A 111 -13.31 8.66 8.41
C ARG A 111 -12.04 7.98 8.90
N ALA A 112 -10.99 8.01 8.10
CA ALA A 112 -9.76 7.34 8.47
C ALA A 112 -8.61 8.30 8.86
N VAL A 113 -8.70 9.55 8.43
CA VAL A 113 -7.70 10.55 8.78
C VAL A 113 -8.35 11.88 9.07
N ASP A 114 -7.54 12.77 9.62
CA ASP A 114 -7.95 14.15 9.84
C ASP A 114 -7.20 15.06 8.89
N PHE A 115 -7.96 15.87 8.14
CA PHE A 115 -7.36 16.81 7.21
C PHE A 115 -7.08 18.18 7.82
N THR A 116 -5.98 18.78 7.42
CA THR A 116 -5.75 20.20 7.70
C THR A 116 -6.69 21.07 6.85
N ASN A 117 -6.68 22.39 7.11
CA ASN A 117 -7.20 23.35 6.14
C ASN A 117 -6.46 23.08 4.82
N PRO A 118 -7.12 23.30 3.68
CA PRO A 118 -6.52 22.94 2.37
C PRO A 118 -5.32 23.79 1.97
N HIS A 119 -4.27 23.18 1.38
CA HIS A 119 -3.13 23.98 0.88
C HIS A 119 -3.20 24.34 -0.60
N TYR A 120 -4.22 23.81 -1.28
CA TYR A 120 -4.60 24.30 -2.59
C TYR A 120 -5.96 23.80 -3.02
N CYS A 121 -6.48 24.40 -4.08
CA CYS A 121 -7.74 24.02 -4.70
C CYS A 121 -7.51 23.66 -6.17
N THR A 122 -8.36 22.78 -6.69
CA THR A 122 -8.12 22.28 -8.02
C THR A 122 -9.35 21.54 -8.47
N GLY A 123 -9.19 20.73 -9.52
CA GLY A 123 -10.26 19.88 -9.98
C GLY A 123 -9.71 18.77 -10.86
N GLY A 124 -10.56 17.75 -11.07
CA GLY A 124 -10.27 16.62 -11.91
C GLY A 124 -10.84 16.93 -13.29
N VAL A 125 -10.10 16.56 -14.31
CA VAL A 125 -10.40 17.01 -15.64
C VAL A 125 -10.30 15.82 -16.62
N ILE A 126 -11.16 15.83 -17.63
CA ILE A 126 -11.10 14.85 -18.70
C ILE A 126 -10.02 15.25 -19.67
N VAL A 127 -9.15 14.31 -20.01
CA VAL A 127 -8.06 14.56 -20.98
C VAL A 127 -8.14 13.46 -22.03
N SER A 128 -8.17 13.81 -23.31
CA SER A 128 -8.29 12.79 -24.37
C SER A 128 -7.36 13.20 -25.49
N ARG A 129 -7.19 12.34 -26.49
CA ARG A 129 -6.47 12.74 -27.69
C ARG A 129 -7.37 13.71 -28.46
N LYS A 130 -6.78 14.39 -29.44
CA LYS A 130 -7.50 15.28 -30.35
C LYS A 130 -8.73 14.58 -30.93
N GLY A 131 -9.89 15.20 -30.78
CA GLY A 131 -11.13 14.65 -31.33
C GLY A 131 -11.77 13.64 -30.39
N GLY A 132 -11.12 13.41 -29.24
CA GLY A 132 -11.64 12.43 -28.26
C GLY A 132 -12.70 12.98 -27.31
N PRO A 133 -13.15 12.15 -26.34
CA PRO A 133 -14.21 12.59 -25.43
C PRO A 133 -13.86 13.87 -24.67
N ARG A 134 -14.80 14.80 -24.59
CA ARG A 134 -14.53 15.97 -23.81
C ARG A 134 -15.45 16.14 -22.59
N THR A 135 -16.64 15.53 -22.62
CA THR A 135 -17.55 15.60 -21.47
C THR A 135 -17.79 14.21 -20.86
N ALA A 136 -18.38 14.17 -19.66
CA ALA A 136 -18.74 12.89 -19.01
C ALA A 136 -19.67 12.11 -19.92
N LYS A 137 -20.50 12.87 -20.63
CA LYS A 137 -21.43 12.31 -21.61
C LYS A 137 -20.71 11.65 -22.76
N ASP A 138 -19.63 12.27 -23.24
CA ASP A 138 -18.79 11.66 -24.28
C ASP A 138 -18.12 10.34 -23.89
N LEU A 139 -18.16 9.99 -22.60
CA LEU A 139 -17.44 8.80 -22.12
C LEU A 139 -18.21 7.49 -22.35
N GLN A 140 -19.39 7.64 -22.95
CA GLN A 140 -20.22 6.51 -23.41
C GLN A 140 -19.48 5.45 -24.23
N GLY A 141 -19.43 4.23 -23.71
CA GLY A 141 -18.70 3.13 -24.38
C GLY A 141 -17.19 3.37 -24.49
N LYS A 142 -16.66 4.32 -23.70
CA LYS A 142 -15.21 4.61 -23.76
C LYS A 142 -14.43 3.91 -22.66
N VAL A 143 -13.12 3.78 -22.88
CA VAL A 143 -12.21 3.23 -21.89
C VAL A 143 -11.45 4.39 -21.20
N VAL A 144 -11.55 4.43 -19.89
CA VAL A 144 -11.07 5.58 -19.11
C VAL A 144 -10.01 5.13 -18.13
N GLY A 145 -8.84 5.81 -18.16
CA GLY A 145 -7.73 5.49 -17.25
C GLY A 145 -7.66 6.40 -16.02
N VAL A 146 -7.49 5.79 -14.85
CA VAL A 146 -7.44 6.53 -13.59
C VAL A 146 -6.41 5.88 -12.68
N GLN A 147 -5.85 6.67 -11.76
CA GLN A 147 -4.95 6.13 -10.75
C GLN A 147 -5.76 5.54 -9.59
N VAL A 148 -5.30 4.41 -9.10
CA VAL A 148 -5.82 3.75 -7.91
C VAL A 148 -5.98 4.63 -6.67
N GLY A 149 -7.12 4.47 -6.00
CA GLY A 149 -7.38 5.14 -4.75
C GLY A 149 -7.60 6.62 -4.83
N THR A 150 -7.81 7.16 -6.05
CA THR A 150 -7.95 8.57 -6.23
C THR A 150 -9.40 9.03 -6.35
N THR A 151 -9.61 10.32 -6.17
CA THR A 151 -10.90 10.93 -6.43
C THR A 151 -11.26 10.81 -7.93
N TYR A 152 -10.26 10.70 -8.81
CA TYR A 152 -10.49 10.43 -10.25
C TYR A 152 -11.13 9.06 -10.44
N MET A 153 -10.53 8.06 -9.81
CA MET A 153 -11.07 6.72 -9.90
C MET A 153 -12.48 6.65 -9.32
N GLU A 154 -12.66 7.25 -8.15
CA GLU A 154 -13.96 7.40 -7.50
C GLU A 154 -15.02 8.02 -8.43
N ALA A 155 -14.72 9.16 -9.06
CA ALA A 155 -15.66 9.78 -10.00
C ALA A 155 -15.95 8.94 -11.27
N ALA A 156 -14.92 8.34 -11.84
CA ALA A 156 -15.05 7.46 -13.01
C ALA A 156 -15.97 6.27 -12.73
N GLN A 157 -15.85 5.71 -11.53
CA GLN A 157 -16.73 4.61 -11.13
C GLN A 157 -18.22 5.00 -11.09
N LYS A 158 -18.51 6.28 -10.98
CA LYS A 158 -19.88 6.77 -10.82
C LYS A 158 -20.48 7.31 -12.13
N ILE A 159 -19.72 7.26 -13.23
CA ILE A 159 -20.18 7.74 -14.54
C ILE A 159 -20.63 6.52 -15.29
N PRO A 160 -21.95 6.35 -15.44
CA PRO A 160 -22.38 5.08 -15.99
C PRO A 160 -22.19 5.01 -17.50
N GLY A 161 -22.04 3.80 -18.00
CA GLY A 161 -21.92 3.61 -19.44
C GLY A 161 -20.52 3.79 -19.97
N ILE A 162 -19.56 4.07 -19.07
CA ILE A 162 -18.17 3.93 -19.44
C ILE A 162 -18.02 2.43 -19.68
N LYS A 163 -17.38 2.06 -20.78
CA LYS A 163 -17.20 0.63 -21.10
C LYS A 163 -16.29 -0.02 -20.06
N GLU A 164 -15.20 0.65 -19.71
CA GLU A 164 -14.24 0.13 -18.74
C GLU A 164 -13.47 1.26 -18.07
N VAL A 165 -13.45 1.21 -16.74
CA VAL A 165 -12.54 2.03 -15.94
C VAL A 165 -11.26 1.18 -15.77
N ARG A 166 -10.17 1.66 -16.34
CA ARG A 166 -8.89 1.03 -16.22
C ARG A 166 -8.07 1.73 -15.14
N THR A 167 -7.67 0.98 -14.10
CA THR A 167 -7.00 1.53 -12.95
C THR A 167 -5.49 1.24 -12.92
N TYR A 168 -4.72 2.32 -12.72
CA TYR A 168 -3.24 2.30 -12.72
C TYR A 168 -2.65 2.57 -11.34
N GLN A 169 -1.55 1.89 -10.99
CA GLN A 169 -0.90 2.14 -9.70
C GLN A 169 -0.30 3.56 -9.67
N ARG A 170 0.20 4.01 -10.82
CA ARG A 170 0.80 5.35 -10.96
C ARG A 170 0.15 6.14 -12.07
N ASP A 171 -0.23 7.36 -11.74
CA ASP A 171 -0.91 8.24 -12.68
C ASP A 171 -0.19 8.49 -14.02
N PRO A 172 1.14 8.72 -14.01
CA PRO A 172 1.82 8.87 -15.31
C PRO A 172 1.67 7.66 -16.24
N ASP A 173 1.34 6.49 -15.68
CA ASP A 173 1.16 5.28 -16.52
C ASP A 173 -0.11 5.37 -17.32
N ALA A 174 -1.13 6.01 -16.74
CA ALA A 174 -2.40 6.25 -17.43
C ALA A 174 -2.15 7.17 -18.64
N LEU A 175 -1.40 8.25 -18.42
CA LEU A 175 -1.00 9.15 -19.51
C LEU A 175 -0.31 8.38 -20.64
N GLN A 176 0.62 7.53 -20.26
CA GLN A 176 1.32 6.69 -21.22
C GLN A 176 0.32 5.87 -22.04
N ASP A 177 -0.69 5.28 -21.40
CA ASP A 177 -1.70 4.52 -22.18
C ASP A 177 -2.62 5.38 -23.04
N LEU A 178 -2.97 6.57 -22.58
CA LEU A 178 -3.68 7.52 -23.42
C LEU A 178 -2.89 7.82 -24.72
N LEU A 179 -1.60 8.16 -24.58
CA LEU A 179 -0.74 8.44 -25.74
C LEU A 179 -0.61 7.25 -26.70
N ALA A 180 -0.50 6.05 -26.13
CA ALA A 180 -0.33 4.83 -26.90
C ALA A 180 -1.64 4.40 -27.56
N GLY A 181 -2.74 4.91 -27.03
CA GLY A 181 -4.06 4.66 -27.59
C GLY A 181 -4.75 3.46 -26.99
N ARG A 182 -4.31 3.01 -25.81
CA ARG A 182 -4.92 1.85 -25.13
C ARG A 182 -6.15 2.22 -24.29
N ILE A 183 -6.34 3.53 -24.10
CA ILE A 183 -7.53 4.05 -23.44
C ILE A 183 -7.94 5.29 -24.22
N ASP A 184 -9.19 5.69 -24.09
CA ASP A 184 -9.72 6.87 -24.78
C ASP A 184 -9.48 8.17 -24.01
N THR A 185 -9.36 8.06 -22.70
CA THR A 185 -9.48 9.19 -21.80
C THR A 185 -8.74 8.88 -20.49
N TRP A 186 -8.00 9.88 -20.02
CA TRP A 186 -7.33 9.90 -18.71
C TRP A 186 -8.04 10.97 -17.91
N ILE A 187 -8.46 10.64 -16.68
CA ILE A 187 -9.00 11.67 -15.79
C ILE A 187 -7.98 11.90 -14.71
N THR A 188 -7.61 13.16 -14.51
CA THR A 188 -6.52 13.47 -13.56
C THR A 188 -6.65 14.92 -13.09
N ASP A 189 -5.70 15.38 -12.28
CA ASP A 189 -5.71 16.75 -11.77
C ASP A 189 -5.50 17.76 -12.92
N ARG A 190 -6.23 18.88 -12.89
CA ARG A 190 -6.07 19.88 -13.96
C ARG A 190 -4.66 20.44 -14.08
N PHE A 191 -3.95 20.69 -12.97
CA PHE A 191 -2.57 21.23 -13.05
C PHE A 191 -1.63 20.13 -13.55
N VAL A 192 -1.77 18.90 -13.05
CA VAL A 192 -0.92 17.84 -13.62
C VAL A 192 -1.11 17.63 -15.16
N ALA A 193 -2.35 17.77 -15.62
CA ALA A 193 -2.67 17.60 -17.03
C ALA A 193 -2.02 18.73 -17.86
N LYS A 194 -2.20 19.98 -17.40
CA LYS A 194 -1.61 21.13 -18.10
C LYS A 194 -0.10 21.03 -18.21
N GLU A 195 0.55 20.68 -17.11
CA GLU A 195 2.01 20.60 -17.09
C GLU A 195 2.52 19.45 -17.94
N ALA A 196 1.87 18.29 -17.89
CA ALA A 196 2.30 17.16 -18.70
C ALA A 196 2.27 17.52 -20.20
N ILE A 197 1.18 18.14 -20.63
CA ILE A 197 1.05 18.65 -22.01
C ILE A 197 2.15 19.67 -22.39
N LYS A 198 2.45 20.61 -21.49
CA LYS A 198 3.54 21.58 -21.72
C LYS A 198 4.92 20.92 -21.79
N GLU A 199 5.21 20.09 -20.79
CA GLU A 199 6.44 19.34 -20.69
C GLU A 199 6.73 18.48 -21.91
N ARG A 200 5.73 17.71 -22.34
CA ARG A 200 5.92 16.73 -23.40
C ARG A 200 5.53 17.30 -24.79
N LYS A 201 5.29 18.61 -24.84
CA LYS A 201 4.81 19.30 -26.04
C LYS A 201 3.64 18.59 -26.75
N LEU A 202 2.57 18.37 -26.01
CA LEU A 202 1.45 17.59 -26.51
C LEU A 202 0.26 18.45 -26.89
N GLU A 203 0.52 19.74 -27.11
CA GLU A 203 -0.53 20.71 -27.41
C GLU A 203 -1.33 20.33 -28.65
N ASN A 204 -0.65 19.80 -29.66
CA ASN A 204 -1.34 19.39 -30.87
C ASN A 204 -1.69 17.92 -30.87
N THR A 205 -1.49 17.24 -29.74
CA THR A 205 -1.88 15.82 -29.71
C THR A 205 -2.92 15.48 -28.64
N LEU A 206 -2.90 16.22 -27.53
CA LEU A 206 -3.86 15.99 -26.44
C LEU A 206 -4.84 17.16 -26.26
N GLN A 207 -5.98 16.86 -25.66
CA GLN A 207 -7.11 17.76 -25.59
C GLN A 207 -7.71 17.75 -24.18
N VAL A 208 -7.55 18.84 -23.43
CA VAL A 208 -8.18 18.95 -22.10
C VAL A 208 -9.68 19.27 -22.22
N GLY A 209 -10.53 18.37 -21.73
CA GLY A 209 -11.97 18.58 -21.75
C GLY A 209 -12.51 19.22 -20.49
N GLU A 210 -13.62 18.69 -20.00
CA GLU A 210 -14.35 19.36 -18.95
C GLU A 210 -13.83 19.03 -17.56
N LEU A 211 -13.94 20.02 -16.68
CA LEU A 211 -13.69 19.85 -15.27
C LEU A 211 -14.81 18.97 -14.71
N VAL A 212 -14.49 17.77 -14.26
CA VAL A 212 -15.51 16.82 -13.80
C VAL A 212 -15.98 17.13 -12.37
N PHE A 213 -15.06 17.60 -11.53
CA PHE A 213 -15.40 17.93 -10.14
C PHE A 213 -14.32 18.87 -9.64
N GLN A 214 -14.62 19.58 -8.56
CA GLN A 214 -13.65 20.46 -7.92
C GLN A 214 -13.31 19.87 -6.56
N GLU A 215 -12.12 20.19 -6.05
CA GLU A 215 -11.70 19.65 -4.77
C GLU A 215 -10.73 20.54 -4.01
N ARG A 216 -10.84 20.48 -2.69
CA ARG A 216 -9.92 21.12 -1.76
C ARG A 216 -8.92 20.06 -1.32
N VAL A 217 -7.64 20.38 -1.47
CA VAL A 217 -6.56 19.41 -1.24
C VAL A 217 -5.81 19.77 0.02
N ALA A 218 -5.49 18.77 0.84
CA ALA A 218 -4.98 19.05 2.21
C ALA A 218 -3.98 18.05 2.71
N MET A 219 -3.21 18.44 3.72
CA MET A 219 -2.40 17.52 4.49
C MET A 219 -3.29 16.59 5.34
N ALA A 220 -2.78 15.40 5.62
CA ALA A 220 -3.43 14.46 6.51
C ALA A 220 -2.54 14.11 7.69
N VAL A 221 -3.22 13.89 8.81
CA VAL A 221 -2.60 13.48 10.05
C VAL A 221 -3.28 12.15 10.51
N ALA A 222 -2.60 11.32 11.29
CA ALA A 222 -3.30 10.14 11.79
C ALA A 222 -4.61 10.53 12.49
N LYS A 223 -5.66 9.73 12.30
CA LYS A 223 -6.98 10.00 12.89
C LYS A 223 -6.82 10.26 14.40
N GLY A 224 -7.33 11.39 14.88
CA GLY A 224 -7.25 11.72 16.32
C GLY A 224 -5.96 12.43 16.74
N ASN A 225 -5.07 12.72 15.80
CA ASN A 225 -3.82 13.40 16.17
C ASN A 225 -4.05 14.91 16.13
N LYS A 226 -4.91 15.38 17.04
CA LYS A 226 -5.37 16.75 17.06
C LYS A 226 -4.27 17.78 17.35
N SER A 227 -3.31 17.45 18.20
CA SER A 227 -2.26 18.41 18.52
C SER A 227 -1.44 18.77 17.27
N LEU A 228 -1.01 17.75 16.55
CA LEU A 228 -0.29 17.99 15.28
C LEU A 228 -1.19 18.67 14.25
N LEU A 229 -2.44 18.22 14.13
CA LEU A 229 -3.38 18.83 13.20
C LEU A 229 -3.41 20.35 13.39
N ASP A 230 -3.57 20.77 14.65
CA ASP A 230 -3.66 22.18 15.00
C ASP A 230 -2.35 22.95 14.73
N ALA A 231 -1.21 22.34 14.99
CA ALA A 231 0.06 23.00 14.73
C ALA A 231 0.29 23.22 13.21
N LEU A 232 -0.12 22.26 12.39
CA LEU A 232 0.04 22.34 10.94
C LEU A 232 -0.84 23.44 10.36
N ASN A 233 -2.06 23.53 10.89
CA ASN A 233 -3.01 24.57 10.47
C ASN A 233 -2.47 25.96 10.75
N ARG A 234 -1.91 26.12 11.95
CA ARG A 234 -1.26 27.38 12.35
C ARG A 234 -0.09 27.73 11.45
N ALA A 235 0.80 26.76 11.20
CA ALA A 235 1.95 27.02 10.33
C ALA A 235 1.50 27.37 8.91
N LEU A 236 0.53 26.62 8.37
CA LEU A 236 -0.01 26.95 7.05
C LEU A 236 -0.62 28.37 7.02
N ALA A 237 -1.41 28.70 8.04
CA ALA A 237 -1.97 30.05 8.14
C ALA A 237 -0.84 31.08 8.10
N GLU A 238 0.25 30.81 8.80
CA GLU A 238 1.35 31.75 8.86
C GLU A 238 1.99 31.93 7.50
N LEU A 239 2.17 30.83 6.79
CA LEU A 239 2.80 30.90 5.48
C LEU A 239 1.95 31.66 4.49
N MET A 240 0.62 31.54 4.64
CA MET A 240 -0.30 32.23 3.75
C MET A 240 -0.31 33.72 4.03
N GLN A 241 0.04 34.10 5.26
CA GLN A 241 0.07 35.50 5.68
C GLN A 241 1.42 36.18 5.42
N ASP A 242 2.52 35.49 5.67
CA ASP A 242 3.84 36.11 5.59
C ASP A 242 4.48 36.08 4.19
N GLY A 243 3.73 35.65 3.18
CA GLY A 243 4.20 35.70 1.78
C GLY A 243 4.96 34.47 1.29
N THR A 244 5.30 33.58 2.22
CA THR A 244 6.03 32.36 1.85
C THR A 244 5.18 31.47 0.93
N TYR A 245 3.90 31.30 1.25
CA TYR A 245 3.02 30.51 0.40
C TYR A 245 2.93 31.10 -0.99
N ALA A 246 2.71 32.42 -1.06
CA ALA A 246 2.59 33.14 -2.33
C ALA A 246 3.84 32.92 -3.17
N ARG A 247 5.02 33.07 -2.57
CA ARG A 247 6.28 32.83 -3.26
C ARG A 247 6.38 31.41 -3.83
N ILE A 248 6.05 30.42 -3.01
CA ILE A 248 6.16 29.03 -3.42
C ILE A 248 5.17 28.70 -4.54
N SER A 249 3.92 29.17 -4.42
CA SER A 249 2.89 28.99 -5.46
C SER A 249 3.33 29.65 -6.79
N GLN A 250 3.94 30.84 -6.68
CA GLN A 250 4.46 31.57 -7.83
C GLN A 250 5.54 30.78 -8.56
N LYS A 251 6.55 30.31 -7.82
CA LYS A 251 7.62 29.51 -8.36
C LYS A 251 7.06 28.34 -9.20
N TRP A 252 6.03 27.68 -8.67
CA TRP A 252 5.55 26.46 -9.31
C TRP A 252 4.54 26.72 -10.41
N PHE A 253 3.69 27.73 -10.24
CA PHE A 253 2.52 27.85 -11.10
C PHE A 253 2.39 29.20 -11.80
N GLY A 254 3.23 30.15 -11.41
CA GLY A 254 3.12 31.52 -11.94
C GLY A 254 1.83 32.20 -11.50
N GLU A 255 1.19 31.66 -10.47
CA GLU A 255 -0.09 32.19 -9.95
C GLU A 255 -0.28 31.66 -8.53
N ASP A 256 -1.28 32.19 -7.83
CA ASP A 256 -1.56 31.78 -6.46
C ASP A 256 -2.67 30.72 -6.49
N VAL A 257 -2.40 29.51 -6.03
CA VAL A 257 -3.38 28.43 -6.17
C VAL A 257 -4.22 28.11 -4.92
N ARG A 258 -4.23 29.00 -3.93
CA ARG A 258 -4.99 28.71 -2.68
C ARG A 258 -6.47 28.70 -2.94
N CYS A 259 -7.22 28.04 -2.06
CA CYS A 259 -8.67 28.11 -2.11
C CYS A 259 -9.09 29.53 -1.76
N LYS A 260 -10.04 30.08 -2.50
CA LYS A 260 -10.49 31.48 -2.35
C LYS A 260 -11.81 31.56 -1.57
N GLY B 20 0.86 -0.41 -16.58
CA GLY B 20 -0.21 -1.30 -17.11
C GLY B 20 -1.39 -1.30 -16.12
N GLY B 21 -2.61 -1.20 -16.64
CA GLY B 21 -3.76 -1.04 -15.76
C GLY B 21 -4.60 -2.30 -15.67
N SER B 22 -5.66 -2.25 -14.87
CA SER B 22 -6.62 -3.34 -14.82
C SER B 22 -7.98 -2.84 -14.38
N GLU B 23 -9.01 -3.62 -14.66
CA GLU B 23 -10.35 -3.21 -14.25
C GLU B 23 -10.60 -3.71 -12.83
N PHE B 24 -10.79 -2.80 -11.89
CA PHE B 24 -11.02 -3.17 -10.49
C PHE B 24 -12.51 -3.41 -10.28
N GLN B 25 -12.86 -4.54 -9.70
CA GLN B 25 -14.24 -4.85 -9.38
C GLN B 25 -14.19 -5.90 -8.30
N VAL B 26 -15.10 -5.81 -7.34
CA VAL B 26 -15.34 -6.87 -6.38
C VAL B 26 -16.35 -7.77 -7.07
N ARG B 27 -15.98 -9.01 -7.37
CA ARG B 27 -16.82 -9.88 -8.23
C ARG B 27 -17.36 -11.04 -7.40
N SER B 28 -18.67 -11.30 -7.54
CA SER B 28 -19.29 -12.50 -6.99
C SER B 28 -18.74 -13.72 -7.74
N PHE B 29 -18.88 -14.89 -7.13
CA PHE B 29 -18.36 -16.10 -7.76
C PHE B 29 -19.05 -16.37 -9.08
N GLU B 30 -20.34 -16.06 -9.18
CA GLU B 30 -21.03 -16.15 -10.49
C GLU B 30 -20.39 -15.26 -11.57
N GLU B 31 -20.00 -14.03 -11.22
CA GLU B 31 -19.31 -13.18 -12.18
C GLU B 31 -17.92 -13.76 -12.54
N ILE B 32 -17.24 -14.32 -11.57
CA ILE B 32 -15.91 -14.94 -11.82
C ILE B 32 -16.04 -16.11 -12.79
N LYS B 33 -17.00 -16.99 -12.52
CA LYS B 33 -17.31 -18.12 -13.36
C LYS B 33 -17.55 -17.70 -14.79
N ARG B 34 -18.46 -16.75 -14.99
CA ARG B 34 -18.73 -16.21 -16.33
C ARG B 34 -17.45 -15.80 -17.05
N SER B 35 -16.49 -15.20 -16.35
CA SER B 35 -15.29 -14.70 -17.01
C SER B 35 -14.28 -15.80 -17.31
N GLY B 36 -14.34 -16.88 -16.54
CA GLY B 36 -13.41 -18.00 -16.73
C GLY B 36 -12.01 -17.82 -16.16
N GLU B 37 -11.74 -16.67 -15.53
CA GLU B 37 -10.48 -16.51 -14.82
C GLU B 37 -10.70 -15.99 -13.41
N ILE B 38 -9.67 -16.13 -12.57
CA ILE B 38 -9.71 -15.69 -11.18
C ILE B 38 -8.39 -14.97 -10.83
N ARG B 39 -8.53 -13.80 -10.24
CA ARG B 39 -7.37 -12.93 -10.04
C ARG B 39 -6.95 -13.10 -8.59
N ILE B 40 -5.69 -13.46 -8.39
CA ILE B 40 -5.21 -13.80 -7.06
C ILE B 40 -4.15 -12.81 -6.67
N GLY B 41 -4.32 -12.14 -5.54
CA GLY B 41 -3.27 -11.25 -5.03
C GLY B 41 -2.36 -11.97 -4.05
N THR B 42 -1.07 -11.65 -4.10
CA THR B 42 -0.12 -12.17 -3.13
C THR B 42 1.05 -11.17 -3.01
N GLU B 43 2.00 -11.42 -2.14
CA GLU B 43 3.06 -10.46 -1.91
C GLU B 43 4.27 -10.72 -2.84
N GLY B 44 4.76 -11.95 -2.90
CA GLY B 44 5.97 -12.19 -3.69
C GLY B 44 7.26 -11.92 -2.95
N ALA B 45 7.20 -11.79 -1.64
CA ALA B 45 8.41 -11.49 -0.90
C ALA B 45 8.47 -12.21 0.45
N PHE B 46 7.90 -13.41 0.50
CA PHE B 46 7.79 -14.15 1.77
C PHE B 46 8.07 -15.64 1.54
N PRO B 47 9.32 -15.98 1.15
CA PRO B 47 9.67 -17.37 0.86
C PRO B 47 9.67 -18.18 2.16
N PRO B 48 9.28 -19.48 2.08
CA PRO B 48 8.89 -20.23 0.88
C PRO B 48 7.38 -20.24 0.58
N PHE B 49 6.63 -19.32 1.20
CA PHE B 49 5.16 -19.28 1.03
C PHE B 49 4.71 -18.64 -0.26
N ASN B 50 5.25 -17.46 -0.54
CA ASN B 50 5.05 -16.78 -1.81
C ASN B 50 6.25 -15.87 -2.09
N TYR B 51 6.84 -16.02 -3.28
CA TYR B 51 8.10 -15.32 -3.54
C TYR B 51 8.42 -15.39 -5.04
N PHE B 52 9.33 -14.55 -5.47
CA PHE B 52 9.83 -14.62 -6.83
C PHE B 52 11.14 -15.41 -6.82
N ASP B 53 11.24 -16.46 -7.62
CA ASP B 53 12.41 -17.33 -7.62
C ASP B 53 13.56 -16.71 -8.42
N GLU B 54 14.63 -17.48 -8.58
CA GLU B 54 15.84 -16.97 -9.23
C GLU B 54 15.72 -16.71 -10.73
N ARG B 55 14.64 -17.20 -11.35
CA ARG B 55 14.31 -16.77 -12.71
C ARG B 55 13.06 -15.91 -12.77
N ASN B 56 12.79 -15.24 -11.66
CA ASN B 56 11.81 -14.15 -11.59
C ASN B 56 10.36 -14.58 -11.82
N GLN B 57 10.04 -15.79 -11.42
CA GLN B 57 8.65 -16.14 -11.46
C GLN B 57 8.09 -16.47 -10.09
N LEU B 58 6.79 -16.27 -9.96
CA LEU B 58 6.14 -16.38 -8.69
C LEU B 58 6.00 -17.84 -8.33
N THR B 59 6.43 -18.21 -7.13
CA THR B 59 6.35 -19.59 -6.63
C THR B 59 6.10 -19.62 -5.13
N GLY B 60 6.08 -20.82 -4.58
CA GLY B 60 6.01 -21.01 -3.15
C GLY B 60 4.76 -21.82 -2.85
N PHE B 61 4.67 -22.26 -1.60
CA PHE B 61 3.55 -23.07 -1.08
C PHE B 61 2.18 -22.53 -1.48
N GLU B 62 1.98 -21.22 -1.29
CA GLU B 62 0.69 -20.59 -1.50
C GLU B 62 0.38 -20.37 -2.98
N VAL B 63 1.40 -20.20 -3.81
CA VAL B 63 1.18 -20.17 -5.25
C VAL B 63 0.69 -21.52 -5.79
N ASP B 64 1.34 -22.61 -5.39
CA ASP B 64 0.89 -23.96 -5.78
C ASP B 64 -0.53 -24.23 -5.27
N LEU B 65 -0.81 -23.86 -4.01
CA LEU B 65 -2.18 -24.04 -3.48
C LEU B 65 -3.21 -23.24 -4.26
N GLY B 66 -2.94 -21.94 -4.43
CA GLY B 66 -3.81 -21.07 -5.23
C GLY B 66 -4.09 -21.57 -6.66
N ASN B 67 -3.06 -22.07 -7.35
CA ASN B 67 -3.22 -22.63 -8.73
C ASN B 67 -4.06 -23.90 -8.69
N ALA B 68 -3.85 -24.70 -7.65
CA ALA B 68 -4.56 -25.98 -7.48
C ALA B 68 -6.03 -25.67 -7.20
N ILE B 69 -6.27 -24.69 -6.33
CA ILE B 69 -7.64 -24.17 -6.13
C ILE B 69 -8.31 -23.68 -7.42
N ALA B 70 -7.63 -22.81 -8.17
CA ALA B 70 -8.11 -22.31 -9.48
C ALA B 70 -8.47 -23.46 -10.41
N GLU B 71 -7.55 -24.42 -10.52
CA GLU B 71 -7.79 -25.65 -11.30
C GLU B 71 -9.02 -26.46 -10.90
N ARG B 72 -9.20 -26.72 -9.61
CA ARG B 72 -10.38 -27.45 -9.14
C ARG B 72 -11.67 -26.72 -9.47
N LEU B 73 -11.59 -25.40 -9.42
CA LEU B 73 -12.71 -24.52 -9.69
C LEU B 73 -12.99 -24.33 -11.19
N GLY B 74 -12.03 -24.68 -12.05
CA GLY B 74 -12.20 -24.54 -13.50
C GLY B 74 -11.83 -23.17 -14.01
N LEU B 75 -10.86 -22.50 -13.38
CA LEU B 75 -10.59 -21.11 -13.72
C LEU B 75 -9.13 -20.88 -14.02
N LYS B 76 -8.82 -20.05 -15.00
CA LYS B 76 -7.44 -19.67 -15.25
C LYS B 76 -6.97 -18.63 -14.20
N PRO B 77 -5.95 -18.99 -13.42
CA PRO B 77 -5.49 -18.03 -12.40
C PRO B 77 -4.75 -16.85 -13.04
N ARG B 78 -4.99 -15.65 -12.53
CA ARG B 78 -4.19 -14.49 -12.91
C ARG B 78 -3.56 -13.91 -11.64
N TRP B 79 -2.24 -14.04 -11.50
CA TRP B 79 -1.57 -13.63 -10.26
C TRP B 79 -1.13 -12.18 -10.30
N ILE B 80 -1.29 -11.49 -9.18
CA ILE B 80 -0.74 -10.12 -9.02
C ILE B 80 0.08 -10.02 -7.73
N ALA B 81 1.37 -9.73 -7.86
CA ALA B 81 2.25 -9.52 -6.70
C ALA B 81 2.21 -8.04 -6.33
N GLN B 82 2.04 -7.72 -5.06
CA GLN B 82 2.15 -6.33 -4.63
C GLN B 82 2.53 -6.26 -3.14
N SER B 83 2.94 -5.07 -2.69
CA SER B 83 3.48 -4.94 -1.34
C SER B 83 2.45 -5.40 -0.31
N PHE B 84 2.92 -6.06 0.74
CA PHE B 84 2.10 -6.68 1.73
C PHE B 84 1.11 -5.70 2.37
N ASP B 85 1.58 -4.51 2.74
CA ASP B 85 0.78 -3.62 3.61
C ASP B 85 -0.59 -3.17 3.02
N THR B 86 -0.71 -3.18 1.69
CA THR B 86 -1.97 -2.81 1.07
C THR B 86 -2.73 -3.97 0.39
N LEU B 87 -2.35 -5.22 0.65
CA LEU B 87 -2.95 -6.33 -0.08
C LEU B 87 -4.45 -6.35 0.19
N LEU B 88 -4.83 -6.21 1.45
CA LEU B 88 -6.24 -6.20 1.89
C LEU B 88 -6.97 -4.95 1.44
N ILE B 89 -6.29 -3.80 1.42
CA ILE B 89 -7.01 -2.65 0.92
C ILE B 89 -7.31 -2.73 -0.60
N GLN B 90 -6.36 -3.15 -1.43
CA GLN B 90 -6.63 -3.27 -2.87
C GLN B 90 -7.59 -4.43 -3.19
N LEU B 91 -7.59 -5.45 -2.34
CA LEU B 91 -8.61 -6.52 -2.38
C LEU B 91 -10.02 -5.92 -2.33
N ASN B 92 -10.23 -5.11 -1.29
CA ASN B 92 -11.46 -4.38 -1.09
C ASN B 92 -11.78 -3.39 -2.22
N GLN B 93 -10.74 -2.80 -2.81
CA GLN B 93 -10.89 -1.92 -3.97
C GLN B 93 -11.21 -2.68 -5.26
N GLY B 94 -10.99 -4.00 -5.26
CA GLY B 94 -11.37 -4.84 -6.40
C GLY B 94 -10.23 -5.23 -7.33
N ARG B 95 -8.99 -5.10 -6.87
CA ARG B 95 -7.86 -5.44 -7.75
C ARG B 95 -7.78 -6.94 -8.00
N PHE B 96 -8.21 -7.72 -7.02
CA PHE B 96 -8.19 -9.17 -7.14
C PHE B 96 -9.48 -9.73 -6.61
N ASP B 97 -9.69 -11.02 -6.84
CA ASP B 97 -10.87 -11.71 -6.28
C ASP B 97 -10.59 -12.25 -4.88
N PHE B 98 -9.38 -12.79 -4.68
CA PHE B 98 -8.94 -13.19 -3.34
C PHE B 98 -7.44 -12.98 -3.14
N VAL B 99 -7.01 -13.04 -1.89
CA VAL B 99 -5.61 -12.91 -1.51
C VAL B 99 -5.14 -14.15 -0.78
N ILE B 100 -3.95 -14.63 -1.14
CA ILE B 100 -3.30 -15.74 -0.43
C ILE B 100 -1.88 -15.29 -0.25
N ALA B 101 -1.60 -14.80 0.95
CA ALA B 101 -0.39 -14.11 1.23
C ALA B 101 -0.05 -14.24 2.70
N SER B 102 -0.40 -15.40 3.29
CA SER B 102 0.07 -15.79 4.63
C SER B 102 -0.55 -14.97 5.78
N HIS B 103 -1.76 -14.45 5.58
CA HIS B 103 -2.43 -13.61 6.64
C HIS B 103 -2.97 -14.49 7.79
N GLY B 104 -2.40 -14.33 8.97
CA GLY B 104 -3.02 -14.82 10.18
C GLY B 104 -4.41 -14.23 10.34
N ILE B 105 -5.36 -15.03 10.80
CA ILE B 105 -6.70 -14.53 11.07
C ILE B 105 -6.61 -13.73 12.37
N THR B 106 -7.09 -12.50 12.35
CA THR B 106 -7.19 -11.73 13.59
C THR B 106 -8.53 -11.03 13.56
N GLU B 107 -9.01 -10.66 14.74
CA GLU B 107 -10.26 -9.91 14.89
C GLU B 107 -10.26 -8.61 14.08
N GLU B 108 -9.15 -7.89 14.10
CA GLU B 108 -9.06 -6.59 13.44
C GLU B 108 -9.13 -6.71 11.91
N ARG B 109 -8.42 -7.69 11.36
CA ARG B 109 -8.46 -7.96 9.92
C ARG B 109 -9.82 -8.49 9.50
N ALA B 110 -10.46 -9.28 10.38
CA ALA B 110 -11.78 -9.83 10.07
C ALA B 110 -12.87 -8.74 9.93
N ARG B 111 -12.60 -7.55 10.46
CA ARG B 111 -13.50 -6.41 10.27
C ARG B 111 -13.45 -5.88 8.83
N ALA B 112 -12.28 -5.99 8.19
CA ALA B 112 -12.11 -5.47 6.82
C ALA B 112 -12.30 -6.50 5.68
N VAL B 113 -12.00 -7.78 5.94
CA VAL B 113 -12.13 -8.84 4.92
C VAL B 113 -12.75 -10.11 5.53
N ASP B 114 -13.14 -11.05 4.68
CA ASP B 114 -13.60 -12.34 5.17
C ASP B 114 -12.56 -13.41 4.89
N PHE B 115 -12.18 -14.12 5.94
CA PHE B 115 -11.22 -15.22 5.84
C PHE B 115 -11.92 -16.54 5.51
N THR B 116 -11.25 -17.35 4.70
CA THR B 116 -11.61 -18.76 4.55
C THR B 116 -11.24 -19.55 5.82
N ASN B 117 -11.67 -20.81 5.89
CA ASN B 117 -10.95 -21.75 6.73
C ASN B 117 -9.45 -21.64 6.40
N PRO B 118 -8.60 -21.83 7.41
CA PRO B 118 -7.18 -21.62 7.23
C PRO B 118 -6.53 -22.69 6.33
N HIS B 119 -5.55 -22.26 5.54
CA HIS B 119 -4.78 -23.18 4.71
C HIS B 119 -3.48 -23.64 5.33
N TYR B 120 -3.04 -23.03 6.43
CA TYR B 120 -2.01 -23.65 7.27
C TYR B 120 -2.00 -23.05 8.67
N CYS B 121 -1.27 -23.69 9.57
CA CYS B 121 -1.09 -23.22 10.94
C CYS B 121 0.39 -22.99 11.17
N THR B 122 0.72 -21.93 11.90
CA THR B 122 2.09 -21.57 12.19
C THR B 122 2.18 -20.89 13.52
N GLY B 123 3.34 -20.27 13.73
CA GLY B 123 3.57 -19.36 14.85
C GLY B 123 4.68 -18.40 14.51
N GLY B 124 4.72 -17.26 15.21
CA GLY B 124 5.81 -16.31 15.09
C GLY B 124 6.94 -16.66 16.04
N VAL B 125 8.17 -16.56 15.57
CA VAL B 125 9.29 -16.96 16.39
C VAL B 125 10.32 -15.82 16.56
N ILE B 126 11.06 -15.84 17.67
CA ILE B 126 12.14 -14.91 17.91
C ILE B 126 13.40 -15.46 17.21
N VAL B 127 14.10 -14.65 16.41
CA VAL B 127 15.40 -15.10 15.91
C VAL B 127 16.47 -14.08 16.18
N SER B 128 17.62 -14.56 16.63
CA SER B 128 18.70 -13.69 17.04
C SER B 128 20.01 -14.25 16.53
N ARG B 129 21.07 -13.47 16.61
CA ARG B 129 22.41 -14.01 16.42
C ARG B 129 22.66 -14.93 17.62
N LYS B 130 23.63 -15.84 17.50
CA LYS B 130 24.03 -16.73 18.60
C LYS B 130 24.38 -15.88 19.81
N GLY B 131 23.88 -16.28 20.97
CA GLY B 131 24.09 -15.51 22.18
C GLY B 131 23.05 -14.43 22.43
N GLY B 132 22.27 -14.10 21.39
CA GLY B 132 21.24 -13.07 21.51
C GLY B 132 19.96 -13.60 22.14
N PRO B 133 18.95 -12.74 22.27
CA PRO B 133 17.70 -13.10 22.96
C PRO B 133 17.07 -14.43 22.50
N ARG B 134 16.48 -15.16 23.44
CA ARG B 134 15.71 -16.37 23.13
C ARG B 134 14.23 -16.20 23.48
N THR B 135 13.95 -15.55 24.60
CA THR B 135 12.59 -15.49 25.14
C THR B 135 12.06 -14.07 24.99
N ALA B 136 10.75 -13.88 25.15
CA ALA B 136 10.17 -12.54 25.18
C ALA B 136 10.79 -11.69 26.30
N LYS B 137 11.12 -12.35 27.41
CA LYS B 137 11.76 -11.66 28.54
C LYS B 137 13.14 -11.11 28.16
N ASP B 138 13.90 -11.85 27.34
CA ASP B 138 15.23 -11.39 26.90
C ASP B 138 15.17 -10.13 26.01
N LEU B 139 13.98 -9.78 25.53
CA LEU B 139 13.80 -8.67 24.59
C LEU B 139 13.78 -7.29 25.26
N GLN B 140 13.62 -7.27 26.58
CA GLN B 140 13.66 -6.03 27.36
C GLN B 140 14.99 -5.35 27.13
N GLY B 141 14.95 -4.10 26.70
CA GLY B 141 16.16 -3.36 26.37
C GLY B 141 16.65 -3.55 24.93
N LYS B 142 16.00 -4.41 24.15
CA LYS B 142 16.51 -4.79 22.81
C LYS B 142 15.83 -4.10 21.62
N VAL B 143 16.52 -4.08 20.48
CA VAL B 143 15.94 -3.56 19.25
C VAL B 143 15.41 -4.76 18.48
N VAL B 144 14.12 -4.74 18.20
CA VAL B 144 13.45 -5.86 17.56
C VAL B 144 12.94 -5.45 16.16
N GLY B 145 13.33 -6.18 15.10
CA GLY B 145 12.87 -5.92 13.74
C GLY B 145 11.64 -6.76 13.33
N VAL B 146 10.67 -6.11 12.69
CA VAL B 146 9.46 -6.77 12.22
C VAL B 146 9.02 -6.16 10.87
N GLN B 147 8.19 -6.88 10.16
CA GLN B 147 7.56 -6.36 8.93
C GLN B 147 6.31 -5.54 9.27
N VAL B 148 6.12 -4.44 8.54
CA VAL B 148 4.92 -3.60 8.61
C VAL B 148 3.61 -4.38 8.40
N GLY B 149 2.63 -4.07 9.24
CA GLY B 149 1.26 -4.54 9.08
C GLY B 149 1.11 -6.00 9.39
N THR B 150 2.07 -6.58 10.13
CA THR B 150 2.05 -8.02 10.44
C THR B 150 1.64 -8.34 11.85
N THR B 151 1.19 -9.58 12.06
CA THR B 151 1.05 -10.09 13.41
C THR B 151 2.37 -10.10 14.19
N TYR B 152 3.52 -10.16 13.52
CA TYR B 152 4.79 -10.04 14.27
C TYR B 152 4.96 -8.66 14.87
N MET B 153 4.63 -7.63 14.08
CA MET B 153 4.70 -6.23 14.54
C MET B 153 3.66 -6.00 15.65
N GLU B 154 2.43 -6.48 15.44
CA GLU B 154 1.42 -6.42 16.49
C GLU B 154 1.91 -7.06 17.81
N ALA B 155 2.55 -8.23 17.76
CA ALA B 155 3.10 -8.87 18.97
C ALA B 155 4.26 -8.11 19.62
N ALA B 156 5.14 -7.54 18.81
CA ALA B 156 6.31 -6.83 19.32
C ALA B 156 5.88 -5.56 20.06
N GLN B 157 4.78 -4.97 19.62
CA GLN B 157 4.22 -3.76 20.27
C GLN B 157 3.62 -4.11 21.63
N LYS B 158 3.26 -5.39 21.81
CA LYS B 158 2.62 -5.89 23.02
C LYS B 158 3.64 -6.36 24.07
N ILE B 159 4.88 -6.58 23.64
CA ILE B 159 5.91 -7.12 24.52
C ILE B 159 6.56 -6.02 25.37
N PRO B 160 6.46 -6.13 26.72
CA PRO B 160 6.93 -5.03 27.56
C PRO B 160 8.45 -4.90 27.54
N GLY B 161 8.95 -3.67 27.65
CA GLY B 161 10.37 -3.44 27.85
C GLY B 161 11.22 -3.37 26.60
N ILE B 162 10.63 -3.63 25.42
CA ILE B 162 11.38 -3.54 24.17
C ILE B 162 11.89 -2.11 24.00
N LYS B 163 13.17 -1.96 23.65
CA LYS B 163 13.78 -0.63 23.53
C LYS B 163 13.26 0.08 22.29
N GLU B 164 13.15 -0.67 21.19
CA GLU B 164 12.68 -0.13 19.94
C GLU B 164 12.21 -1.27 19.05
N VAL B 165 10.99 -1.12 18.54
CA VAL B 165 10.48 -1.94 17.47
C VAL B 165 10.85 -1.21 16.17
N ARG B 166 11.71 -1.84 15.37
CA ARG B 166 12.04 -1.33 14.03
C ARG B 166 11.23 -2.03 12.96
N THR B 167 10.45 -1.25 12.23
CA THR B 167 9.51 -1.74 11.21
C THR B 167 10.04 -1.61 9.76
N TYR B 168 10.04 -2.74 9.06
CA TYR B 168 10.54 -2.88 7.68
C TYR B 168 9.39 -3.13 6.70
N GLN B 169 9.55 -2.65 5.47
CA GLN B 169 8.52 -2.83 4.45
C GLN B 169 8.45 -4.29 3.97
N ARG B 170 9.62 -4.93 3.86
CA ARG B 170 9.73 -6.33 3.46
C ARG B 170 10.47 -7.14 4.52
N ASP B 171 9.89 -8.30 4.84
CA ASP B 171 10.41 -9.18 5.90
C ASP B 171 11.88 -9.53 5.76
N PRO B 172 12.35 -9.88 4.55
CA PRO B 172 13.78 -10.15 4.33
C PRO B 172 14.75 -9.01 4.66
N ASP B 173 14.28 -7.75 4.65
CA ASP B 173 15.17 -6.62 5.02
C ASP B 173 15.45 -6.57 6.52
N ALA B 174 14.50 -7.03 7.33
CA ALA B 174 14.72 -7.17 8.78
C ALA B 174 15.77 -8.24 9.07
N LEU B 175 15.71 -9.35 8.34
CA LEU B 175 16.71 -10.41 8.48
C LEU B 175 18.10 -9.88 8.15
N GLN B 176 18.20 -9.12 7.07
CA GLN B 176 19.46 -8.52 6.65
C GLN B 176 20.02 -7.55 7.71
N ASP B 177 19.16 -6.77 8.36
CA ASP B 177 19.56 -5.88 9.46
C ASP B 177 20.02 -6.63 10.73
N LEU B 178 19.45 -7.81 10.95
CA LEU B 178 19.90 -8.71 12.00
C LEU B 178 21.30 -9.25 11.69
N LEU B 179 21.50 -9.70 10.45
CA LEU B 179 22.81 -10.23 10.05
C LEU B 179 23.89 -9.18 10.19
N ALA B 180 23.50 -7.92 10.01
CA ALA B 180 24.39 -6.77 10.06
C ALA B 180 24.56 -6.22 11.48
N GLY B 181 23.75 -6.66 12.43
CA GLY B 181 23.89 -6.18 13.81
C GLY B 181 23.12 -4.94 14.20
N ARG B 182 22.31 -4.40 13.28
CA ARG B 182 21.54 -3.21 13.57
C ARG B 182 20.27 -3.43 14.42
N ILE B 183 19.88 -4.69 14.58
CA ILE B 183 18.80 -5.07 15.48
C ILE B 183 19.28 -6.30 16.25
N ASP B 184 18.66 -6.59 17.39
CA ASP B 184 19.04 -7.76 18.22
C ASP B 184 18.27 -9.01 17.83
N THR B 185 17.05 -8.80 17.34
CA THR B 185 16.12 -9.89 17.14
C THR B 185 15.18 -9.58 15.99
N TRP B 186 14.91 -10.60 15.19
CA TRP B 186 13.95 -10.52 14.11
C TRP B 186 12.81 -11.44 14.51
N ILE B 187 11.58 -10.93 14.55
CA ILE B 187 10.43 -11.79 14.82
C ILE B 187 9.71 -12.08 13.48
N THR B 188 9.59 -13.37 13.14
CA THR B 188 8.98 -13.79 11.86
C THR B 188 8.23 -15.14 11.93
N ASP B 189 7.71 -15.59 10.80
CA ASP B 189 7.09 -16.90 10.72
C ASP B 189 8.14 -18.00 10.97
N ARG B 190 7.73 -19.09 11.63
CA ARG B 190 8.68 -20.15 12.06
C ARG B 190 9.26 -20.94 10.88
N PHE B 191 8.43 -21.17 9.88
CA PHE B 191 8.90 -21.80 8.65
C PHE B 191 9.77 -20.89 7.81
N VAL B 192 9.48 -19.58 7.79
CA VAL B 192 10.37 -18.68 7.05
C VAL B 192 11.74 -18.56 7.74
N ALA B 193 11.73 -18.49 9.07
CA ALA B 193 12.99 -18.49 9.83
C ALA B 193 13.79 -19.78 9.55
N LYS B 194 13.18 -20.95 9.75
CA LYS B 194 13.89 -22.21 9.48
C LYS B 194 14.48 -22.20 8.06
N GLU B 195 13.66 -21.87 7.06
CA GLU B 195 14.13 -21.97 5.68
C GLU B 195 15.18 -20.92 5.34
N ALA B 196 15.04 -19.71 5.86
CA ALA B 196 16.02 -18.68 5.57
C ALA B 196 17.40 -19.12 6.10
N ILE B 197 17.40 -19.69 7.31
CA ILE B 197 18.65 -20.20 7.92
C ILE B 197 19.31 -21.29 7.07
N LYS B 198 18.53 -22.27 6.64
CA LYS B 198 18.98 -23.33 5.73
C LYS B 198 19.54 -22.74 4.42
N GLU B 199 18.71 -21.94 3.76
CA GLU B 199 19.04 -21.36 2.45
C GLU B 199 20.34 -20.56 2.47
N ARG B 200 20.56 -19.79 3.53
CA ARG B 200 21.71 -18.92 3.60
C ARG B 200 22.85 -19.52 4.42
N LYS B 201 22.72 -20.81 4.77
CA LYS B 201 23.75 -21.53 5.52
C LYS B 201 24.09 -20.80 6.83
N LEU B 202 23.08 -20.51 7.65
CA LEU B 202 23.29 -19.66 8.82
C LEU B 202 23.19 -20.39 10.15
N GLU B 203 23.27 -21.72 10.14
CA GLU B 203 23.03 -22.54 11.33
C GLU B 203 24.00 -22.25 12.47
N ASN B 204 25.22 -21.88 12.11
CA ASN B 204 26.22 -21.59 13.12
C ASN B 204 26.31 -20.09 13.37
N THR B 205 25.34 -19.33 12.85
CA THR B 205 25.31 -17.87 13.09
C THR B 205 23.97 -17.24 13.57
N LEU B 206 22.83 -17.88 13.30
CA LEU B 206 21.55 -17.45 13.87
C LEU B 206 20.98 -18.51 14.78
N GLN B 207 20.01 -18.11 15.58
CA GLN B 207 19.52 -18.93 16.66
C GLN B 207 18.03 -18.69 16.79
N VAL B 208 17.26 -19.76 16.68
CA VAL B 208 15.82 -19.71 16.81
C VAL B 208 15.39 -19.80 18.28
N GLY B 209 14.67 -18.78 18.74
CA GLY B 209 14.18 -18.76 20.11
C GLY B 209 12.78 -19.29 20.30
N GLU B 210 12.05 -18.74 21.26
CA GLU B 210 10.71 -19.23 21.58
C GLU B 210 9.66 -18.85 20.56
N LEU B 211 8.57 -19.62 20.56
CA LEU B 211 7.37 -19.32 19.79
C LEU B 211 6.61 -18.23 20.51
N VAL B 212 6.58 -17.04 19.93
CA VAL B 212 5.90 -15.92 20.58
C VAL B 212 4.39 -16.07 20.61
N PHE B 213 3.79 -16.50 19.51
CA PHE B 213 2.35 -16.79 19.43
C PHE B 213 2.13 -17.83 18.34
N GLN B 214 0.94 -18.41 18.32
CA GLN B 214 0.53 -19.24 17.21
C GLN B 214 -0.63 -18.63 16.48
N GLU B 215 -0.76 -18.99 15.20
CA GLU B 215 -1.79 -18.38 14.37
C GLU B 215 -2.29 -19.34 13.28
N ARG B 216 -3.50 -19.08 12.83
CA ARG B 216 -4.16 -19.82 11.77
C ARG B 216 -4.19 -18.91 10.54
N VAL B 217 -3.61 -19.38 9.44
CA VAL B 217 -3.42 -18.51 8.29
C VAL B 217 -4.44 -18.85 7.21
N ALA B 218 -5.10 -17.83 6.66
CA ALA B 218 -6.19 -18.05 5.71
C ALA B 218 -6.16 -17.18 4.46
N MET B 219 -6.95 -17.56 3.46
CA MET B 219 -7.16 -16.70 2.28
C MET B 219 -8.14 -15.61 2.66
N ALA B 220 -8.05 -14.48 1.97
CA ALA B 220 -9.01 -13.39 2.21
C ALA B 220 -9.76 -12.99 0.95
N VAL B 221 -10.99 -12.59 1.18
CA VAL B 221 -11.94 -12.14 0.19
C VAL B 221 -12.46 -10.75 0.65
N ALA B 222 -12.94 -9.91 -0.28
CA ALA B 222 -13.51 -8.61 0.08
C ALA B 222 -14.70 -8.81 1.04
N LYS B 223 -14.81 -7.89 2.00
CA LYS B 223 -15.81 -7.99 3.04
C LYS B 223 -17.18 -8.27 2.38
N GLY B 224 -17.88 -9.30 2.86
CA GLY B 224 -19.21 -9.64 2.29
C GLY B 224 -19.25 -10.39 0.97
N ASN B 225 -18.10 -10.79 0.41
CA ASN B 225 -18.08 -11.62 -0.83
C ASN B 225 -18.34 -13.08 -0.48
N LYS B 226 -19.55 -13.36 -0.03
CA LYS B 226 -19.89 -14.67 0.51
C LYS B 226 -19.83 -15.79 -0.54
N SER B 227 -20.28 -15.51 -1.75
CA SER B 227 -20.33 -16.56 -2.78
C SER B 227 -18.92 -17.05 -3.12
N LEU B 228 -17.97 -16.12 -3.25
CA LEU B 228 -16.57 -16.48 -3.48
C LEU B 228 -16.02 -17.21 -2.27
N LEU B 229 -16.28 -16.69 -1.06
CA LEU B 229 -15.83 -17.37 0.16
C LEU B 229 -16.23 -18.87 0.20
N ASP B 230 -17.53 -19.13 -0.09
CA ASP B 230 -18.11 -20.48 -0.15
C ASP B 230 -17.35 -21.41 -1.11
N ALA B 231 -17.16 -20.96 -2.34
CA ALA B 231 -16.44 -21.72 -3.35
C ALA B 231 -14.99 -22.01 -2.95
N LEU B 232 -14.30 -21.03 -2.37
CA LEU B 232 -12.93 -21.22 -1.90
C LEU B 232 -12.83 -22.27 -0.75
N ASN B 233 -13.70 -22.10 0.24
CA ASN B 233 -13.82 -23.07 1.31
C ASN B 233 -14.09 -24.52 0.82
N ARG B 234 -14.99 -24.67 -0.14
CA ARG B 234 -15.30 -25.97 -0.74
C ARG B 234 -14.06 -26.56 -1.46
N ALA B 235 -13.44 -25.73 -2.30
CA ALA B 235 -12.23 -26.12 -3.03
C ALA B 235 -11.09 -26.50 -2.10
N LEU B 236 -10.86 -25.70 -1.07
CA LEU B 236 -9.83 -26.03 -0.08
C LEU B 236 -10.12 -27.35 0.63
N ALA B 237 -11.39 -27.61 0.98
CA ALA B 237 -11.73 -28.88 1.64
C ALA B 237 -11.42 -30.06 0.70
N GLU B 238 -11.75 -29.87 -0.57
CA GLU B 238 -11.55 -30.94 -1.53
C GLU B 238 -10.06 -31.22 -1.70
N LEU B 239 -9.24 -30.18 -1.71
CA LEU B 239 -7.80 -30.38 -1.82
C LEU B 239 -7.26 -31.11 -0.59
N MET B 240 -7.81 -30.79 0.60
CA MET B 240 -7.42 -31.49 1.83
C MET B 240 -7.77 -32.99 1.78
N GLN B 241 -8.92 -33.32 1.24
CA GLN B 241 -9.36 -34.71 1.23
C GLN B 241 -8.69 -35.55 0.13
N ASP B 242 -8.56 -34.98 -1.07
CA ASP B 242 -8.16 -35.74 -2.24
C ASP B 242 -6.65 -35.96 -2.42
N GLY B 243 -5.85 -35.50 -1.46
CA GLY B 243 -4.39 -35.69 -1.53
C GLY B 243 -3.55 -34.54 -2.11
N THR B 244 -4.19 -33.62 -2.81
CA THR B 244 -3.46 -32.47 -3.35
C THR B 244 -2.79 -31.63 -2.26
N TYR B 245 -3.52 -31.35 -1.18
CA TYR B 245 -2.95 -30.51 -0.11
C TYR B 245 -1.69 -31.17 0.46
N ALA B 246 -1.78 -32.48 0.72
CA ALA B 246 -0.69 -33.28 1.25
C ALA B 246 0.55 -33.27 0.36
N ARG B 247 0.36 -33.39 -0.97
CA ARG B 247 1.45 -33.32 -1.93
C ARG B 247 2.16 -31.98 -1.82
N ILE B 248 1.38 -30.91 -1.89
CA ILE B 248 1.94 -29.56 -1.88
C ILE B 248 2.64 -29.23 -0.57
N SER B 249 2.02 -29.57 0.56
CA SER B 249 2.68 -29.40 1.88
C SER B 249 4.00 -30.20 2.00
N GLN B 250 4.00 -31.47 1.56
CA GLN B 250 5.23 -32.29 1.51
C GLN B 250 6.28 -31.64 0.62
N LYS B 251 5.88 -31.17 -0.55
CA LYS B 251 6.80 -30.52 -1.51
C LYS B 251 7.60 -29.38 -0.87
N TRP B 252 6.94 -28.56 -0.06
CA TRP B 252 7.51 -27.31 0.45
C TRP B 252 8.10 -27.43 1.85
N PHE B 253 7.55 -28.34 2.66
CA PHE B 253 7.89 -28.43 4.08
C PHE B 253 8.34 -29.81 4.55
N GLY B 254 8.21 -30.83 3.69
CA GLY B 254 8.53 -32.19 4.13
C GLY B 254 7.68 -32.67 5.31
N GLU B 255 6.58 -31.98 5.59
CA GLU B 255 5.64 -32.33 6.65
C GLU B 255 4.28 -31.75 6.26
N ASP B 256 3.21 -32.19 6.92
CA ASP B 256 1.87 -31.64 6.64
C ASP B 256 1.63 -30.44 7.56
N VAL B 257 1.38 -29.26 6.98
CA VAL B 257 1.26 -28.04 7.78
C VAL B 257 -0.19 -27.58 8.07
N ARG B 258 -1.18 -28.43 7.85
CA ARG B 258 -2.58 -28.01 8.04
C ARG B 258 -2.88 -27.81 9.53
N CYS B 259 -3.89 -27.02 9.84
CA CYS B 259 -4.34 -26.87 11.21
C CYS B 259 -4.92 -28.22 11.70
N LYS B 260 -4.54 -28.61 12.92
CA LYS B 260 -4.87 -29.92 13.47
C LYS B 260 -6.00 -29.84 14.49
N ORN C . -6.23 14.87 -5.93
CA ORN C . -5.96 13.46 -6.11
CB ORN C . -4.46 13.24 -5.88
CG ORN C . -3.92 11.89 -6.17
CD ORN C . -2.41 11.81 -5.98
NE ORN C . -1.87 10.53 -6.43
C ORN C . -6.79 12.68 -5.08
O ORN C . -7.19 13.27 -4.08
OXT ORN C . -7.07 11.47 -5.19
N ORN D . 1.82 -14.44 9.17
CA ORN D . 2.16 -13.04 8.86
CB ORN D . 2.42 -12.90 7.36
CG ORN D . 3.37 -11.81 6.90
CD ORN D . 3.53 -11.80 5.35
NE ORN D . 4.28 -10.65 4.85
C ORN D . 0.99 -12.15 9.26
O ORN D . 1.20 -10.97 9.58
OXT ORN D . -0.20 -12.57 9.20
#